data_2XS0
#
_entry.id   2XS0
#
_cell.length_a   62.530
_cell.length_b   106.550
_cell.length_c   130.910
_cell.angle_alpha   90.00
_cell.angle_beta   90.00
_cell.angle_gamma   90.00
#
_symmetry.space_group_name_H-M   'C 2 2 21'
#
loop_
_entity.id
_entity.type
_entity.pdbx_description
1 polymer 'MITOGEN-ACTIVATED PROTEIN KINASE 8'
2 polymer 'NUCLEAR FACTOR OF ACTIVATED T-CELLS, CYTOPLASMIC 3'
3 non-polymer 'PHOSPHOAMINOPHOSPHONIC ACID-ADENYLATE ESTER'
4 water water
#
loop_
_entity_poly.entity_id
_entity_poly.type
_entity_poly.pdbx_seq_one_letter_code
_entity_poly.pdbx_strand_id
1 'polypeptide(L)'
;GSMSRSKRDNNFYSVEIGDSTFTVLKRYQNLKPIGSGAQGIVCAAYDAILERNVAIKKLSRPFQNQTHAKRAYRELVLMK
CVNHKNIIGLLNVFTPQKSLEEFQDVYIVMELMDANLCQVIQMELDHERMSYLLYQMLCGIKHLHSAGIIHRDLKPSNIV
VKSDCTLKILDFGLARTAGTSFMMVPFVVTRYYRAPEVILGMGYKENVDIWSVGCIMGEMIKGGVLFPGTDHIDQWNKVI
EQLGTPCPEFMKKLQPTVRTYVENRPKYAGYSFEKLFPDVLFPADSEHNKLKASQARDLLSKMLVIDASKRISVDEALQH
PYINVWYDPSEAEAPPPKIPDKQLDEREHTIEEWKELIYKEVMDLEERTKNGVIRGQPSPLAQVQQ
;
A
2 'polypeptide(L)' LERPSRDHLYLPLE B
#
loop_
_chem_comp.id
_chem_comp.type
_chem_comp.name
_chem_comp.formula
ANP non-polymer 'PHOSPHOAMINOPHOSPHONIC ACID-ADENYLATE ESTER' 'C10 H17 N6 O12 P3'
#
# COMPACT_ATOMS: atom_id res chain seq x y z
N ARG A 8 21.98 2.35 30.40
CA ARG A 8 20.95 1.93 29.45
C ARG A 8 21.58 1.22 28.25
N ASP A 9 22.82 1.57 27.96
CA ASP A 9 23.50 1.08 26.76
C ASP A 9 23.77 -0.43 26.82
N ASN A 10 23.64 -1.00 28.01
CA ASN A 10 23.86 -2.43 28.21
C ASN A 10 22.82 -3.29 27.49
N ASN A 11 21.73 -2.68 27.07
CA ASN A 11 20.63 -3.39 26.44
C ASN A 11 20.75 -3.55 24.93
N PHE A 12 21.73 -2.87 24.34
CA PHE A 12 21.89 -2.84 22.90
C PHE A 12 23.18 -3.51 22.42
N TYR A 13 23.17 -3.93 21.16
CA TYR A 13 24.39 -4.35 20.49
C TYR A 13 24.29 -3.87 19.05
N SER A 14 25.43 -3.79 18.36
CA SER A 14 25.43 -3.26 17.00
C SER A 14 25.90 -4.29 16.00
N VAL A 15 25.33 -4.22 14.81
CA VAL A 15 25.77 -5.05 13.71
C VAL A 15 25.71 -4.22 12.43
N GLU A 16 26.64 -4.50 11.52
CA GLU A 16 26.69 -3.82 10.22
C GLU A 16 25.77 -4.51 9.22
N ILE A 17 24.92 -3.72 8.58
CA ILE A 17 24.07 -4.25 7.52
C ILE A 17 24.40 -3.50 6.25
N GLY A 18 25.22 -4.11 5.42
CA GLY A 18 25.81 -3.41 4.30
C GLY A 18 26.55 -2.20 4.83
N ASP A 19 26.12 -1.03 4.38
CA ASP A 19 26.76 0.23 4.74
C ASP A 19 26.42 0.68 6.15
N SER A 20 25.19 0.40 6.58
CA SER A 20 24.68 1.02 7.81
C SER A 20 24.83 0.17 9.06
N THR A 21 24.87 0.83 10.20
CA THR A 21 24.91 0.17 11.49
C THR A 21 23.52 0.07 12.12
N PHE A 22 23.09 -1.14 12.42
CA PHE A 22 21.88 -1.34 13.19
C PHE A 22 22.23 -1.57 14.64
N THR A 23 21.95 -0.60 15.50
CA THR A 23 22.10 -0.80 16.94
C THR A 23 20.74 -1.12 17.57
N VAL A 24 20.54 -2.39 17.90
CA VAL A 24 19.22 -2.90 18.28
C VAL A 24 19.22 -3.61 19.64
N LEU A 25 18.07 -3.64 20.30
CA LEU A 25 17.97 -4.38 21.57
C LEU A 25 18.46 -5.81 21.39
N LYS A 26 19.04 -6.38 22.44
CA LYS A 26 19.65 -7.70 22.32
C LYS A 26 18.65 -8.82 22.03
N ARG A 27 17.36 -8.55 22.23
CA ARG A 27 16.33 -9.54 21.95
C ARG A 27 16.24 -9.88 20.46
N TYR A 28 16.67 -8.95 19.62
CA TYR A 28 16.65 -9.19 18.17
C TYR A 28 17.98 -9.74 17.68
N GLN A 29 17.94 -10.95 17.13
CA GLN A 29 19.14 -11.70 16.80
C GLN A 29 19.19 -12.01 15.31
N ASN A 30 20.39 -12.09 14.77
CA ASN A 30 20.58 -12.60 13.42
C ASN A 30 19.96 -11.73 12.35
N LEU A 31 20.17 -10.43 12.42
CA LEU A 31 19.64 -9.55 11.40
C LEU A 31 20.17 -9.93 10.01
N LYS A 32 19.27 -9.95 9.04
CA LYS A 32 19.64 -10.14 7.65
C LYS A 32 18.80 -9.16 6.85
N PRO A 33 19.37 -8.58 5.78
CA PRO A 33 18.63 -7.63 4.94
C PRO A 33 17.52 -8.32 4.14
N ILE A 34 16.31 -7.79 4.18
CA ILE A 34 15.19 -8.41 3.47
C ILE A 34 14.64 -7.53 2.35
N GLY A 35 15.07 -6.28 2.30
CA GLY A 35 14.61 -5.36 1.28
C GLY A 35 15.16 -3.97 1.52
N SER A 36 14.85 -3.05 0.63
CA SER A 36 15.34 -1.68 0.74
C SER A 36 14.45 -0.66 0.07
N GLY A 37 14.65 0.60 0.41
CA GLY A 37 13.86 1.69 -0.17
C GLY A 37 14.31 3.04 0.34
N ALA A 38 13.45 4.03 0.17
CA ALA A 38 13.74 5.40 0.60
C ALA A 38 14.33 5.43 2.01
N GLN A 39 13.52 5.04 2.99
CA GLN A 39 13.89 5.14 4.39
C GLN A 39 14.90 4.06 4.80
N GLY A 40 15.78 3.69 3.88
CA GLY A 40 16.89 2.80 4.18
C GLY A 40 16.62 1.32 4.01
N ILE A 41 17.43 0.50 4.69
CA ILE A 41 17.30 -0.95 4.60
C ILE A 41 16.39 -1.52 5.69
N VAL A 42 15.79 -2.67 5.39
CA VAL A 42 14.91 -3.35 6.33
C VAL A 42 15.40 -4.77 6.54
N CYS A 43 15.51 -5.18 7.81
CA CYS A 43 16.04 -6.50 8.16
C CYS A 43 15.00 -7.45 8.72
N ALA A 44 15.28 -8.74 8.57
CA ALA A 44 14.62 -9.77 9.35
C ALA A 44 15.43 -10.01 10.61
N ALA A 45 14.76 -10.44 11.67
CA ALA A 45 15.46 -10.80 12.91
C ALA A 45 14.66 -11.84 13.65
N TYR A 46 15.29 -12.50 14.61
CA TYR A 46 14.60 -13.41 15.50
C TYR A 46 14.42 -12.69 16.83
N ASP A 47 13.16 -12.55 17.25
CA ASP A 47 12.85 -11.95 18.53
C ASP A 47 12.93 -13.04 19.58
N ALA A 48 13.93 -12.98 20.46
CA ALA A 48 14.15 -14.03 21.46
C ALA A 48 13.09 -14.01 22.56
N ILE A 49 12.45 -12.86 22.73
CA ILE A 49 11.38 -12.72 23.70
C ILE A 49 10.08 -13.30 23.15
N LEU A 50 9.57 -12.74 22.06
CA LEU A 50 8.33 -13.25 21.45
C LEU A 50 8.54 -14.62 20.82
N GLU A 51 9.81 -14.98 20.62
CA GLU A 51 10.17 -16.25 19.99
C GLU A 51 9.58 -16.42 18.60
N ARG A 52 9.54 -15.33 17.85
CA ARG A 52 9.18 -15.38 16.44
C ARG A 52 10.06 -14.43 15.63
N ASN A 53 10.09 -14.62 14.32
CA ASN A 53 10.80 -13.70 13.46
C ASN A 53 10.02 -12.41 13.32
N VAL A 54 10.76 -11.30 13.19
CA VAL A 54 10.17 -9.98 13.04
C VAL A 54 10.91 -9.21 11.95
N ALA A 55 10.40 -8.03 11.62
CA ALA A 55 11.07 -7.16 10.67
C ALA A 55 11.47 -5.87 11.37
N ILE A 56 12.63 -5.33 11.02
CA ILE A 56 13.15 -4.13 11.67
C ILE A 56 13.50 -3.06 10.65
N LYS A 57 12.93 -1.87 10.84
CA LYS A 57 13.15 -0.77 9.92
C LYS A 57 13.90 0.35 10.64
N LYS A 58 15.00 0.81 10.05
CA LYS A 58 15.73 1.92 10.65
C LYS A 58 15.38 3.25 9.99
N LEU A 59 14.87 4.18 10.79
CA LEU A 59 14.66 5.55 10.33
C LEU A 59 15.82 6.41 10.79
N SER A 60 16.61 6.91 9.83
CA SER A 60 17.75 7.75 10.16
C SER A 60 17.36 9.22 10.19
N ARG A 61 17.42 9.81 11.39
CA ARG A 61 16.99 11.19 11.60
C ARG A 61 15.63 11.43 10.99
N PRO A 62 14.59 10.78 11.53
CA PRO A 62 13.26 11.07 10.98
C PRO A 62 12.90 12.55 11.14
N PHE A 63 13.65 13.26 11.96
CA PHE A 63 13.37 14.66 12.27
C PHE A 63 14.24 15.65 11.50
N GLN A 64 15.01 15.18 10.52
CA GLN A 64 15.80 16.06 9.68
C GLN A 64 14.95 16.67 8.59
N ASN A 65 14.30 17.79 8.94
CA ASN A 65 13.39 18.50 8.04
C ASN A 65 11.91 18.13 8.17
N GLN A 66 11.04 19.06 7.78
CA GLN A 66 9.60 18.96 8.02
C GLN A 66 8.95 17.74 7.38
N THR A 67 9.29 17.49 6.11
CA THR A 67 8.69 16.38 5.37
C THR A 67 8.97 15.02 6.01
N HIS A 68 10.22 14.81 6.40
CA HIS A 68 10.62 13.56 7.02
C HIS A 68 9.94 13.38 8.36
N ALA A 69 9.85 14.45 9.13
CA ALA A 69 9.32 14.38 10.48
C ALA A 69 7.81 14.17 10.45
N LYS A 70 7.12 14.94 9.63
CA LYS A 70 5.68 14.84 9.49
C LYS A 70 5.30 13.41 9.10
N ARG A 71 5.97 12.88 8.09
CA ARG A 71 5.70 11.53 7.59
C ARG A 71 5.93 10.47 8.66
N ALA A 72 7.10 10.52 9.29
CA ALA A 72 7.49 9.53 10.28
C ALA A 72 6.60 9.55 11.52
N TYR A 73 6.26 10.75 11.97
CA TYR A 73 5.41 10.90 13.14
C TYR A 73 4.03 10.29 12.90
N ARG A 74 3.43 10.65 11.76
CA ARG A 74 2.14 10.11 11.37
C ARG A 74 2.16 8.57 11.34
N GLU A 75 3.20 8.02 10.74
CA GLU A 75 3.32 6.57 10.60
C GLU A 75 3.37 5.89 11.97
N LEU A 76 4.19 6.42 12.87
CA LEU A 76 4.25 5.91 14.23
C LEU A 76 2.84 5.85 14.83
N VAL A 77 2.23 7.02 14.94
CA VAL A 77 0.93 7.17 15.56
C VAL A 77 -0.12 6.26 14.93
N LEU A 78 -0.16 6.23 13.60
CA LEU A 78 -1.16 5.42 12.90
C LEU A 78 -0.91 3.92 13.02
N MET A 79 0.36 3.52 12.99
CA MET A 79 0.67 2.10 13.07
C MET A 79 0.38 1.62 14.48
N LYS A 80 0.59 2.51 15.45
CA LYS A 80 0.32 2.19 16.84
C LYS A 80 -1.17 1.89 17.05
N CYS A 81 -2.02 2.83 16.65
CA CYS A 81 -3.46 2.76 16.96
C CYS A 81 -4.28 1.88 16.01
N VAL A 82 -3.76 1.64 14.81
CA VAL A 82 -4.45 0.72 13.90
C VAL A 82 -4.13 -0.72 14.22
N ASN A 83 -5.15 -1.58 14.18
CA ASN A 83 -4.94 -3.00 14.43
C ASN A 83 -5.84 -3.85 13.55
N HIS A 84 -5.36 -4.17 12.36
CA HIS A 84 -6.13 -4.94 11.41
C HIS A 84 -5.18 -5.86 10.67
N LYS A 85 -5.61 -7.09 10.42
CA LYS A 85 -4.74 -8.14 9.89
C LYS A 85 -4.16 -7.80 8.53
N ASN A 86 -4.83 -6.93 7.78
CA ASN A 86 -4.36 -6.58 6.44
C ASN A 86 -3.59 -5.29 6.42
N ILE A 87 -3.35 -4.73 7.60
CA ILE A 87 -2.46 -3.59 7.73
C ILE A 87 -1.30 -4.01 8.63
N ILE A 88 -0.08 -3.68 8.20
CA ILE A 88 1.11 -4.12 8.90
C ILE A 88 1.07 -3.59 10.33
N GLY A 89 1.34 -4.45 11.30
CA GLY A 89 1.25 -4.06 12.69
C GLY A 89 2.57 -3.76 13.34
N LEU A 90 2.55 -2.80 14.25
CA LEU A 90 3.71 -2.41 15.03
C LEU A 90 3.90 -3.38 16.19
N LEU A 91 5.09 -3.93 16.33
CA LEU A 91 5.37 -4.83 17.45
C LEU A 91 6.16 -4.10 18.52
N ASN A 92 7.06 -3.23 18.08
CA ASN A 92 7.94 -2.51 19.00
C ASN A 92 8.52 -1.30 18.29
N VAL A 93 8.97 -0.32 19.07
CA VAL A 93 9.71 0.81 18.53
C VAL A 93 10.65 1.31 19.62
N PHE A 94 11.88 1.63 19.24
CA PHE A 94 12.88 2.00 20.22
C PHE A 94 13.93 2.91 19.61
N THR A 95 14.73 3.52 20.48
CA THR A 95 15.93 4.24 20.05
C THR A 95 17.08 3.90 20.98
N PRO A 96 18.28 3.68 20.40
CA PRO A 96 19.53 3.38 21.11
C PRO A 96 20.09 4.60 21.85
N GLN A 97 19.91 5.81 21.31
CA GLN A 97 20.39 7.01 21.97
C GLN A 97 19.60 7.20 23.25
N LYS A 98 20.24 7.75 24.28
CA LYS A 98 19.72 7.70 25.63
C LYS A 98 19.16 9.02 26.17
N SER A 99 18.93 9.99 25.30
CA SER A 99 18.43 11.29 25.72
C SER A 99 18.01 12.09 24.50
N LEU A 100 17.11 13.05 24.69
CA LEU A 100 16.64 13.88 23.59
C LEU A 100 17.79 14.48 22.77
N GLU A 101 18.84 14.92 23.45
CA GLU A 101 19.93 15.59 22.75
C GLU A 101 20.71 14.64 21.85
N GLU A 102 20.99 13.44 22.34
CA GLU A 102 21.76 12.47 21.59
C GLU A 102 20.86 11.79 20.56
N PHE A 103 19.55 11.91 20.77
CA PHE A 103 18.57 11.24 19.94
C PHE A 103 18.86 11.38 18.44
N GLN A 104 18.98 10.24 17.77
CA GLN A 104 19.37 10.18 16.37
C GLN A 104 18.41 9.35 15.54
N ASP A 105 18.17 8.12 15.99
CA ASP A 105 17.51 7.12 15.15
C ASP A 105 16.29 6.47 15.78
N VAL A 106 15.38 6.04 14.93
CA VAL A 106 14.20 5.31 15.37
C VAL A 106 14.14 3.96 14.67
N TYR A 107 13.97 2.91 15.46
CA TYR A 107 13.78 1.57 14.93
C TYR A 107 12.34 1.13 15.10
N ILE A 108 11.75 0.69 13.99
CA ILE A 108 10.38 0.17 14.02
C ILE A 108 10.38 -1.33 13.83
N VAL A 109 9.78 -2.04 14.77
CA VAL A 109 9.70 -3.50 14.71
C VAL A 109 8.30 -3.95 14.28
N MET A 110 8.25 -4.70 13.19
CA MET A 110 6.99 -5.11 12.58
C MET A 110 6.86 -6.62 12.53
N GLU A 111 5.66 -7.07 12.19
CA GLU A 111 5.46 -8.46 11.84
C GLU A 111 6.28 -8.69 10.58
N LEU A 112 6.81 -9.90 10.42
CA LEU A 112 7.63 -10.21 9.26
C LEU A 112 6.84 -10.91 8.15
N MET A 113 6.95 -10.39 6.94
CA MET A 113 6.36 -11.03 5.76
C MET A 113 7.43 -11.52 4.82
N ASP A 114 7.05 -12.32 3.82
CA ASP A 114 8.03 -13.01 3.00
C ASP A 114 8.44 -12.27 1.71
N ALA A 115 7.57 -11.41 1.20
CA ALA A 115 7.86 -10.74 -0.07
C ALA A 115 6.95 -9.53 -0.28
N ASN A 116 7.27 -8.70 -1.28
CA ASN A 116 6.32 -7.67 -1.69
C ASN A 116 5.56 -8.09 -2.94
N LEU A 117 4.64 -7.25 -3.41
CA LEU A 117 3.77 -7.66 -4.49
C LEU A 117 4.48 -7.73 -5.85
N CYS A 118 5.61 -7.05 -5.99
CA CYS A 118 6.40 -7.14 -7.23
C CYS A 118 6.71 -8.59 -7.57
N GLN A 119 7.19 -9.34 -6.59
CA GLN A 119 7.50 -10.76 -6.78
C GLN A 119 6.26 -11.59 -7.14
N VAL A 120 5.14 -11.28 -6.50
CA VAL A 120 3.90 -12.00 -6.74
C VAL A 120 3.42 -11.86 -8.18
N ILE A 121 3.75 -10.73 -8.80
CA ILE A 121 3.35 -10.46 -10.18
C ILE A 121 4.17 -11.28 -11.19
N GLN A 122 5.46 -11.42 -10.91
CA GLN A 122 6.34 -12.19 -11.79
C GLN A 122 6.15 -13.69 -11.55
N MET A 123 4.93 -14.07 -11.17
CA MET A 123 4.71 -15.40 -10.63
C MET A 123 3.39 -16.04 -11.10
N GLU A 124 3.38 -17.36 -11.18
CA GLU A 124 2.21 -18.11 -11.64
C GLU A 124 1.06 -18.02 -10.64
N LEU A 125 -0.14 -17.70 -11.13
CA LEU A 125 -1.29 -17.53 -10.25
C LEU A 125 -2.54 -18.25 -10.74
N ASP A 126 -3.60 -18.16 -9.94
CA ASP A 126 -4.92 -18.65 -10.31
C ASP A 126 -5.97 -17.75 -9.67
N HIS A 127 -7.23 -17.97 -10.03
CA HIS A 127 -8.31 -17.10 -9.55
C HIS A 127 -8.48 -17.18 -8.05
N GLU A 128 -8.24 -18.38 -7.51
CA GLU A 128 -8.39 -18.59 -6.08
C GLU A 128 -7.50 -17.62 -5.31
N ARG A 129 -6.21 -17.64 -5.62
CA ARG A 129 -5.23 -16.85 -4.89
C ARG A 129 -5.32 -15.38 -5.25
N MET A 130 -5.53 -15.10 -6.53
CA MET A 130 -5.71 -13.73 -6.97
C MET A 130 -6.94 -13.07 -6.33
N SER A 131 -8.06 -13.76 -6.31
CA SER A 131 -9.25 -13.20 -5.68
C SER A 131 -9.00 -12.93 -4.20
N TYR A 132 -8.30 -13.85 -3.53
CA TYR A 132 -8.02 -13.70 -2.10
C TYR A 132 -7.07 -12.53 -1.81
N LEU A 133 -6.02 -12.40 -2.61
CA LEU A 133 -5.10 -11.28 -2.47
C LEU A 133 -5.85 -9.95 -2.63
N LEU A 134 -6.68 -9.85 -3.66
CA LEU A 134 -7.46 -8.65 -3.91
C LEU A 134 -8.48 -8.40 -2.79
N TYR A 135 -9.09 -9.48 -2.30
CA TYR A 135 -10.01 -9.39 -1.18
C TYR A 135 -9.34 -8.80 0.07
N GLN A 136 -8.10 -9.18 0.30
CA GLN A 136 -7.36 -8.72 1.47
C GLN A 136 -6.99 -7.25 1.36
N MET A 137 -6.60 -6.84 0.16
CA MET A 137 -6.24 -5.46 -0.12
C MET A 137 -7.43 -4.58 0.20
N LEU A 138 -8.59 -4.99 -0.29
CA LEU A 138 -9.83 -4.25 -0.10
C LEU A 138 -10.20 -4.12 1.37
N CYS A 139 -10.07 -5.21 2.11
CA CYS A 139 -10.31 -5.16 3.55
C CYS A 139 -9.46 -4.11 4.24
N GLY A 140 -8.15 -4.15 4.01
CA GLY A 140 -7.24 -3.20 4.62
C GLY A 140 -7.54 -1.77 4.23
N ILE A 141 -7.90 -1.54 2.98
CA ILE A 141 -8.25 -0.21 2.52
C ILE A 141 -9.52 0.29 3.22
N LYS A 142 -10.59 -0.51 3.11
CA LYS A 142 -11.84 -0.18 3.77
C LYS A 142 -11.56 0.28 5.19
N HIS A 143 -10.73 -0.48 5.89
CA HIS A 143 -10.43 -0.19 7.28
C HIS A 143 -9.81 1.19 7.42
N LEU A 144 -8.86 1.51 6.55
CA LEU A 144 -8.22 2.81 6.57
C LEU A 144 -9.24 3.92 6.33
N HIS A 145 -10.07 3.73 5.32
CA HIS A 145 -11.09 4.70 4.96
C HIS A 145 -12.03 4.96 6.14
N SER A 146 -12.37 3.90 6.87
CA SER A 146 -13.27 3.99 8.00
C SER A 146 -12.73 4.92 9.09
N ALA A 147 -11.45 5.26 8.98
CA ALA A 147 -10.84 6.21 9.90
C ALA A 147 -10.45 7.51 9.19
N GLY A 148 -10.93 7.68 7.96
CA GLY A 148 -10.61 8.88 7.21
C GLY A 148 -9.25 8.89 6.54
N ILE A 149 -8.47 7.82 6.70
CA ILE A 149 -7.20 7.71 5.98
C ILE A 149 -7.47 7.30 4.54
N ILE A 150 -7.14 8.17 3.60
CA ILE A 150 -7.23 7.81 2.19
C ILE A 150 -5.83 7.75 1.64
N HIS A 151 -5.47 6.60 1.10
CA HIS A 151 -4.07 6.28 0.82
C HIS A 151 -3.45 7.12 -0.30
N ARG A 152 -4.02 7.02 -1.49
CA ARG A 152 -3.57 7.80 -2.65
C ARG A 152 -2.30 7.24 -3.31
N ASP A 153 -1.54 6.44 -2.57
CA ASP A 153 -0.23 6.01 -3.08
C ASP A 153 0.05 4.51 -2.96
N LEU A 154 -0.95 3.70 -3.27
CA LEU A 154 -0.82 2.24 -3.19
C LEU A 154 0.00 1.70 -4.35
N LYS A 155 1.07 0.99 -4.03
CA LYS A 155 1.89 0.35 -5.07
C LYS A 155 2.40 -1.03 -4.61
N PRO A 156 2.73 -1.90 -5.58
CA PRO A 156 3.15 -3.28 -5.27
C PRO A 156 4.33 -3.34 -4.29
N SER A 157 5.23 -2.37 -4.34
CA SER A 157 6.38 -2.39 -3.46
C SER A 157 6.02 -2.12 -1.99
N ASN A 158 4.91 -1.42 -1.75
CA ASN A 158 4.51 -1.17 -0.37
C ASN A 158 3.38 -2.08 0.10
N ILE A 159 3.18 -3.17 -0.63
CA ILE A 159 2.27 -4.24 -0.21
C ILE A 159 3.00 -5.58 -0.06
N VAL A 160 2.92 -6.19 1.12
CA VAL A 160 3.66 -7.43 1.38
C VAL A 160 2.77 -8.67 1.56
N VAL A 161 3.33 -9.82 1.21
CA VAL A 161 2.61 -11.09 1.28
C VAL A 161 3.39 -12.14 2.06
N LYS A 162 2.70 -13.20 2.45
CA LYS A 162 3.32 -14.32 3.14
C LYS A 162 3.07 -15.56 2.30
N SER A 163 3.83 -16.63 2.51
CA SER A 163 3.67 -17.82 1.68
C SER A 163 2.29 -18.47 1.84
N ASP A 164 1.63 -18.19 2.96
CA ASP A 164 0.27 -18.67 3.17
C ASP A 164 -0.74 -17.82 2.41
N CYS A 165 -0.24 -16.94 1.55
CA CYS A 165 -1.06 -16.09 0.70
C CYS A 165 -1.77 -14.94 1.45
N THR A 166 -1.36 -14.68 2.68
CA THR A 166 -1.90 -13.55 3.41
C THR A 166 -1.18 -12.27 3.01
N LEU A 167 -1.86 -11.14 3.14
CA LEU A 167 -1.36 -9.87 2.64
C LEU A 167 -1.56 -8.71 3.62
N LYS A 168 -0.62 -7.77 3.62
CA LYS A 168 -0.74 -6.56 4.43
C LYS A 168 -0.21 -5.35 3.69
N ILE A 169 -0.79 -4.19 4.01
CA ILE A 169 -0.35 -2.95 3.43
C ILE A 169 0.69 -2.33 4.35
N LEU A 170 1.84 -1.99 3.79
CA LEU A 170 2.99 -1.51 4.56
C LEU A 170 2.89 -0.08 5.08
N ASP A 171 2.07 0.77 4.45
CA ASP A 171 2.04 2.17 4.89
C ASP A 171 0.68 2.87 4.75
N PHE A 172 0.64 4.15 5.09
CA PHE A 172 -0.61 4.88 5.22
C PHE A 172 -0.77 6.02 4.24
N GLY A 173 -0.11 5.91 3.09
CA GLY A 173 -0.31 6.82 1.99
C GLY A 173 0.05 8.27 2.29
N LEU A 174 -0.47 9.17 1.47
CA LEU A 174 -0.22 10.60 1.64
C LEU A 174 -1.11 11.21 2.71
N ALA A 175 -0.59 12.22 3.39
CA ALA A 175 -1.38 12.95 4.40
C ALA A 175 -2.25 14.02 3.73
N THR A 190 8.56 8.27 -9.86
CA THR A 190 7.36 8.48 -10.66
C THR A 190 6.23 7.59 -10.14
N ARG A 191 5.01 7.77 -10.68
CA ARG A 191 3.84 7.12 -10.11
C ARG A 191 2.90 6.48 -11.15
N TYR A 192 3.07 5.19 -11.38
CA TYR A 192 2.27 4.45 -12.35
C TYR A 192 0.84 4.19 -11.88
N TYR A 193 0.65 4.14 -10.56
CA TYR A 193 -0.60 3.66 -9.99
C TYR A 193 -1.49 4.78 -9.47
N ARG A 194 -0.99 6.01 -9.54
CA ARG A 194 -1.77 7.16 -9.09
C ARG A 194 -2.97 7.41 -10.00
N ALA A 195 -4.12 7.64 -9.38
CA ALA A 195 -5.38 7.83 -10.11
C ALA A 195 -5.32 9.06 -11.00
N PRO A 196 -6.09 9.03 -12.11
CA PRO A 196 -6.14 10.19 -13.01
C PRO A 196 -6.47 11.47 -12.25
N GLU A 197 -7.44 11.40 -11.35
CA GLU A 197 -7.84 12.58 -10.60
C GLU A 197 -6.72 13.14 -9.71
N VAL A 198 -5.62 12.40 -9.62
CA VAL A 198 -4.48 12.83 -8.80
C VAL A 198 -3.38 13.47 -9.64
N ILE A 199 -3.14 12.91 -10.81
CA ILE A 199 -2.14 13.46 -11.71
C ILE A 199 -2.61 14.82 -12.24
N LEU A 200 -3.90 15.09 -12.07
CA LEU A 200 -4.52 16.28 -12.65
C LEU A 200 -4.98 17.29 -11.59
N GLY A 201 -4.42 17.18 -10.39
CA GLY A 201 -4.71 18.12 -9.32
C GLY A 201 -6.18 18.41 -9.08
N MET A 202 -6.98 17.35 -9.01
CA MET A 202 -8.42 17.49 -8.81
C MET A 202 -8.83 16.91 -7.46
N GLY A 203 -10.11 17.05 -7.13
CA GLY A 203 -10.65 16.46 -5.92
C GLY A 203 -10.67 14.94 -6.01
N TYR A 204 -10.69 14.29 -4.86
CA TYR A 204 -10.76 12.84 -4.81
C TYR A 204 -11.59 12.37 -3.63
N LYS A 205 -12.19 11.19 -3.76
CA LYS A 205 -12.86 10.54 -2.65
C LYS A 205 -12.18 9.20 -2.35
N GLU A 206 -12.84 8.37 -1.56
CA GLU A 206 -12.25 7.10 -1.14
C GLU A 206 -11.83 6.22 -2.32
N ASN A 207 -12.63 6.22 -3.37
CA ASN A 207 -12.40 5.29 -4.49
C ASN A 207 -11.21 5.68 -5.35
N VAL A 208 -10.49 6.72 -4.94
CA VAL A 208 -9.24 7.07 -5.61
C VAL A 208 -8.27 5.92 -5.41
N ASP A 209 -8.37 5.25 -4.27
CA ASP A 209 -7.57 4.08 -3.96
C ASP A 209 -8.00 2.88 -4.78
N ILE A 210 -9.24 2.88 -5.24
CA ILE A 210 -9.75 1.80 -6.08
C ILE A 210 -9.06 1.81 -7.46
N TRP A 211 -8.61 2.98 -7.90
CA TRP A 211 -7.84 3.03 -9.15
C TRP A 211 -6.56 2.21 -8.99
N SER A 212 -5.80 2.55 -7.96
CA SER A 212 -4.57 1.83 -7.62
C SER A 212 -4.78 0.32 -7.65
N VAL A 213 -5.89 -0.14 -7.07
CA VAL A 213 -6.20 -1.57 -7.01
C VAL A 213 -6.53 -2.13 -8.38
N GLY A 214 -7.07 -1.28 -9.25
CA GLY A 214 -7.35 -1.66 -10.61
C GLY A 214 -6.07 -1.87 -11.39
N CYS A 215 -5.11 -0.97 -11.18
CA CYS A 215 -3.83 -1.06 -11.85
C CYS A 215 -3.10 -2.31 -11.43
N ILE A 216 -3.07 -2.56 -10.12
CA ILE A 216 -2.39 -3.71 -9.56
C ILE A 216 -3.00 -5.03 -10.03
N MET A 217 -4.33 -5.10 -9.99
CA MET A 217 -5.01 -6.29 -10.49
C MET A 217 -4.60 -6.49 -11.94
N GLY A 218 -4.95 -5.52 -12.77
CA GLY A 218 -4.56 -5.54 -14.17
C GLY A 218 -3.12 -5.95 -14.38
N GLU A 219 -2.22 -5.44 -13.54
CA GLU A 219 -0.81 -5.76 -13.67
C GLU A 219 -0.51 -7.23 -13.34
N MET A 220 -1.21 -7.79 -12.37
CA MET A 220 -1.03 -9.21 -12.08
C MET A 220 -1.40 -10.03 -13.31
N ILE A 221 -2.54 -9.71 -13.91
CA ILE A 221 -3.01 -10.45 -15.07
C ILE A 221 -2.04 -10.40 -16.25
N LYS A 222 -1.70 -9.19 -16.70
CA LYS A 222 -0.88 -9.00 -17.90
C LYS A 222 0.63 -9.12 -17.64
N GLY A 223 1.00 -9.20 -16.37
CA GLY A 223 2.39 -9.41 -15.99
C GLY A 223 3.26 -8.16 -16.02
N GLY A 224 2.74 -7.06 -16.56
CA GLY A 224 3.52 -5.84 -16.71
C GLY A 224 2.73 -4.55 -16.50
N VAL A 225 3.44 -3.48 -16.15
CA VAL A 225 2.82 -2.20 -15.78
C VAL A 225 1.85 -1.69 -16.85
N LEU A 226 0.62 -1.41 -16.42
CA LEU A 226 -0.41 -0.90 -17.34
C LEU A 226 -0.11 0.49 -17.91
N PHE A 227 0.49 1.35 -17.10
CA PHE A 227 0.77 2.72 -17.51
C PHE A 227 2.14 3.19 -17.03
N PRO A 228 3.20 2.90 -17.81
CA PRO A 228 4.57 3.26 -17.40
C PRO A 228 5.06 4.57 -18.00
N GLY A 229 4.67 5.70 -17.40
CA GLY A 229 5.15 7.00 -17.82
C GLY A 229 6.33 7.49 -17.00
N THR A 230 7.17 8.34 -17.59
CA THR A 230 8.34 8.86 -16.90
C THR A 230 8.01 10.08 -16.04
N ASP A 231 7.00 10.83 -16.45
CA ASP A 231 6.55 11.99 -15.68
C ASP A 231 5.03 12.13 -15.74
N HIS A 232 4.53 13.25 -15.20
CA HIS A 232 3.08 13.49 -15.16
C HIS A 232 2.47 13.58 -16.56
N ILE A 233 3.24 14.11 -17.51
CA ILE A 233 2.76 14.27 -18.88
C ILE A 233 2.60 12.92 -19.58
N ASP A 234 3.68 12.15 -19.59
CA ASP A 234 3.69 10.85 -20.26
C ASP A 234 2.72 9.87 -19.61
N GLN A 235 2.51 10.03 -18.31
CA GLN A 235 1.61 9.16 -17.56
C GLN A 235 0.18 9.26 -18.08
N TRP A 236 -0.35 10.48 -18.12
CA TRP A 236 -1.74 10.71 -18.52
C TRP A 236 -2.03 10.25 -19.94
N ASN A 237 -1.09 10.50 -20.86
CA ASN A 237 -1.28 10.11 -22.25
C ASN A 237 -1.45 8.59 -22.41
N LYS A 238 -0.68 7.85 -21.62
CA LYS A 238 -0.75 6.38 -21.68
C LYS A 238 -2.07 5.87 -21.11
N VAL A 239 -2.78 6.70 -20.37
CA VAL A 239 -4.08 6.31 -19.81
C VAL A 239 -5.22 6.51 -20.81
N ILE A 240 -5.24 7.67 -21.47
CA ILE A 240 -6.25 7.94 -22.47
C ILE A 240 -6.06 7.09 -23.72
N GLU A 241 -4.79 6.78 -24.03
CA GLU A 241 -4.49 5.91 -25.17
C GLU A 241 -5.16 4.56 -24.99
N GLN A 242 -5.34 4.16 -23.74
CA GLN A 242 -5.85 2.83 -23.42
C GLN A 242 -7.35 2.80 -23.19
N LEU A 243 -7.84 3.66 -22.31
CA LEU A 243 -9.25 3.69 -21.95
C LEU A 243 -10.02 4.69 -22.79
N GLY A 244 -9.30 5.53 -23.53
CA GLY A 244 -9.91 6.55 -24.37
C GLY A 244 -9.99 7.89 -23.67
N THR A 245 -10.15 8.95 -24.46
CA THR A 245 -10.31 10.29 -23.91
C THR A 245 -11.61 10.35 -23.11
N PRO A 246 -11.56 10.92 -21.90
CA PRO A 246 -12.75 10.98 -21.04
C PRO A 246 -13.87 11.81 -21.64
N CYS A 247 -15.08 11.65 -21.09
CA CYS A 247 -16.27 12.33 -21.58
C CYS A 247 -16.19 13.84 -21.36
N PRO A 248 -16.96 14.61 -22.14
CA PRO A 248 -17.04 16.07 -22.00
C PRO A 248 -17.43 16.48 -20.58
N GLU A 249 -18.06 15.57 -19.84
CA GLU A 249 -18.49 15.85 -18.48
C GLU A 249 -17.34 15.78 -17.48
N PHE A 250 -16.18 15.32 -17.94
CA PHE A 250 -14.99 15.24 -17.10
C PHE A 250 -13.97 16.34 -17.45
N MET A 251 -13.75 16.54 -18.74
CA MET A 251 -12.75 17.51 -19.18
C MET A 251 -13.05 18.94 -18.74
N LYS A 252 -14.30 19.23 -18.41
CA LYS A 252 -14.65 20.51 -17.81
C LYS A 252 -14.93 20.38 -16.31
N LYS A 253 -14.20 19.47 -15.67
CA LYS A 253 -14.20 19.36 -14.23
C LYS A 253 -12.80 19.72 -13.74
N LEU A 254 -11.92 19.97 -14.70
CA LEU A 254 -10.55 20.39 -14.43
C LEU A 254 -10.48 21.90 -14.33
N GLN A 255 -9.76 22.40 -13.33
CA GLN A 255 -9.57 23.85 -13.20
C GLN A 255 -9.01 24.41 -14.50
N PRO A 256 -9.45 25.62 -14.88
CA PRO A 256 -9.12 26.30 -16.13
C PRO A 256 -7.74 25.95 -16.70
N THR A 257 -6.71 26.01 -15.87
CA THR A 257 -5.35 25.72 -16.30
C THR A 257 -5.21 24.28 -16.82
N VAL A 258 -5.66 23.32 -16.02
CA VAL A 258 -5.52 21.91 -16.37
C VAL A 258 -6.53 21.46 -17.43
N ARG A 259 -7.73 22.04 -17.41
CA ARG A 259 -8.72 21.71 -18.42
C ARG A 259 -8.25 22.14 -19.80
N THR A 260 -7.13 22.85 -19.84
CA THR A 260 -6.53 23.31 -21.08
C THR A 260 -5.77 22.19 -21.77
N TYR A 261 -5.10 21.36 -20.97
CA TYR A 261 -4.31 20.25 -21.50
C TYR A 261 -5.16 19.13 -22.10
N VAL A 262 -6.16 18.69 -21.33
CA VAL A 262 -6.98 17.54 -21.73
C VAL A 262 -7.69 17.77 -23.06
N GLU A 263 -8.03 19.04 -23.33
CA GLU A 263 -8.66 19.40 -24.59
C GLU A 263 -7.62 19.97 -25.54
N ASN A 264 -6.40 19.44 -25.46
CA ASN A 264 -5.29 19.96 -26.24
C ASN A 264 -4.39 18.86 -26.79
N ARG A 265 -4.72 17.61 -26.48
CA ARG A 265 -3.97 16.47 -26.98
C ARG A 265 -4.89 15.52 -27.77
N PRO A 266 -4.32 14.79 -28.73
CA PRO A 266 -5.09 13.92 -29.63
C PRO A 266 -6.13 13.08 -28.88
N LYS A 267 -7.29 12.88 -29.50
CA LYS A 267 -8.38 12.17 -28.86
C LYS A 267 -8.51 10.73 -29.37
N TYR A 268 -8.38 9.77 -28.44
CA TYR A 268 -8.42 8.36 -28.78
C TYR A 268 -9.76 7.74 -28.36
N ALA A 269 -10.05 6.56 -28.89
CA ALA A 269 -11.26 5.83 -28.51
C ALA A 269 -10.92 4.78 -27.45
N GLY A 270 -9.65 4.45 -27.35
CA GLY A 270 -9.20 3.45 -26.40
C GLY A 270 -9.61 2.06 -26.83
N TYR A 271 -9.62 1.13 -25.87
CA TYR A 271 -10.01 -0.25 -26.14
C TYR A 271 -11.08 -0.72 -25.16
N SER A 272 -11.86 -1.70 -25.58
CA SER A 272 -12.79 -2.37 -24.68
C SER A 272 -11.94 -3.13 -23.68
N PHE A 273 -12.55 -3.54 -22.58
CA PHE A 273 -11.82 -4.37 -21.62
C PHE A 273 -11.71 -5.80 -22.14
N GLU A 274 -12.29 -6.03 -23.31
CA GLU A 274 -12.11 -7.28 -24.03
C GLU A 274 -10.75 -7.27 -24.75
N LYS A 275 -10.37 -6.11 -25.29
CA LYS A 275 -9.12 -5.98 -26.01
C LYS A 275 -7.94 -5.73 -25.07
N LEU A 276 -8.23 -5.14 -23.92
CA LEU A 276 -7.20 -4.83 -22.93
C LEU A 276 -6.87 -6.08 -22.13
N PHE A 277 -7.88 -6.92 -21.90
CA PHE A 277 -7.73 -8.16 -21.17
C PHE A 277 -8.45 -9.29 -21.89
N PRO A 278 -7.87 -9.76 -23.01
CA PRO A 278 -8.45 -10.78 -23.89
C PRO A 278 -8.56 -12.14 -23.23
N ASP A 279 -9.61 -12.88 -23.59
CA ASP A 279 -9.88 -14.22 -23.04
C ASP A 279 -8.63 -15.06 -22.87
N VAL A 280 -7.72 -14.99 -23.83
CA VAL A 280 -6.53 -15.82 -23.85
C VAL A 280 -5.65 -15.63 -22.60
N LEU A 281 -5.83 -14.52 -21.91
CA LEU A 281 -5.02 -14.21 -20.73
C LEU A 281 -5.46 -15.01 -19.51
N PHE A 282 -6.63 -15.62 -19.59
CA PHE A 282 -7.14 -16.44 -18.48
C PHE A 282 -7.24 -17.90 -18.89
N PRO A 283 -7.17 -18.80 -17.90
CA PRO A 283 -7.46 -20.22 -18.15
C PRO A 283 -8.93 -20.40 -18.54
N ALA A 284 -9.17 -21.02 -19.69
CA ALA A 284 -10.53 -21.19 -20.20
C ALA A 284 -10.88 -22.66 -20.41
N ASP A 285 -10.54 -23.49 -19.43
CA ASP A 285 -10.89 -24.90 -19.48
C ASP A 285 -12.26 -25.14 -18.84
N SER A 286 -12.27 -25.37 -17.53
CA SER A 286 -13.53 -25.56 -16.81
C SER A 286 -14.54 -24.49 -17.17
N GLU A 287 -15.82 -24.86 -17.20
CA GLU A 287 -16.87 -23.91 -17.52
C GLU A 287 -16.83 -22.74 -16.55
N HIS A 288 -16.45 -23.03 -15.31
CA HIS A 288 -16.41 -22.03 -14.25
C HIS A 288 -15.14 -21.16 -14.31
N ASN A 289 -14.21 -21.51 -15.18
CA ASN A 289 -12.99 -20.73 -15.33
C ASN A 289 -13.11 -19.60 -16.37
N LYS A 290 -14.10 -19.71 -17.24
CA LYS A 290 -14.45 -18.60 -18.12
C LYS A 290 -15.40 -17.68 -17.37
N LEU A 291 -16.14 -18.27 -16.43
CA LEU A 291 -16.99 -17.51 -15.52
C LEU A 291 -16.12 -16.53 -14.74
N LYS A 292 -15.11 -17.06 -14.05
CA LYS A 292 -14.19 -16.23 -13.28
C LYS A 292 -13.48 -15.22 -14.18
N ALA A 293 -13.16 -15.66 -15.40
CA ALA A 293 -12.47 -14.78 -16.35
C ALA A 293 -13.31 -13.55 -16.69
N SER A 294 -14.60 -13.76 -16.92
CA SER A 294 -15.50 -12.64 -17.21
C SER A 294 -15.76 -11.82 -15.95
N GLN A 295 -15.83 -12.50 -14.81
CA GLN A 295 -16.01 -11.82 -13.53
C GLN A 295 -14.83 -10.90 -13.24
N ALA A 296 -13.63 -11.40 -13.51
CA ALA A 296 -12.42 -10.61 -13.30
C ALA A 296 -12.36 -9.41 -14.25
N ARG A 297 -12.60 -9.66 -15.53
CA ARG A 297 -12.63 -8.59 -16.51
C ARG A 297 -13.64 -7.52 -16.10
N ASP A 298 -14.77 -7.96 -15.57
CA ASP A 298 -15.82 -7.04 -15.17
C ASP A 298 -15.35 -6.07 -14.07
N LEU A 299 -14.80 -6.62 -13.00
CA LEU A 299 -14.33 -5.82 -11.88
C LEU A 299 -13.31 -4.78 -12.33
N LEU A 300 -12.39 -5.20 -13.20
CA LEU A 300 -11.37 -4.30 -13.74
C LEU A 300 -11.97 -3.08 -14.43
N SER A 301 -13.08 -3.30 -15.13
CA SER A 301 -13.74 -2.22 -15.85
C SER A 301 -14.53 -1.31 -14.92
N LYS A 302 -14.92 -1.85 -13.77
CA LYS A 302 -15.55 -1.04 -12.73
C LYS A 302 -14.50 -0.25 -11.95
N MET A 303 -13.26 -0.72 -11.98
CA MET A 303 -12.19 -0.10 -11.21
C MET A 303 -11.38 0.92 -12.03
N LEU A 304 -10.96 0.52 -13.22
CA LEU A 304 -10.19 1.42 -14.09
C LEU A 304 -11.09 2.35 -14.89
N VAL A 305 -12.00 3.01 -14.19
CA VAL A 305 -12.85 4.05 -14.76
C VAL A 305 -12.21 5.40 -14.48
N ILE A 306 -11.72 6.07 -15.52
CA ILE A 306 -11.06 7.36 -15.36
C ILE A 306 -11.90 8.32 -14.51
N ASP A 307 -13.16 8.48 -14.88
CA ASP A 307 -14.06 9.38 -14.16
C ASP A 307 -14.40 8.81 -12.79
N ALA A 308 -13.82 9.39 -11.74
CA ALA A 308 -13.93 8.85 -10.40
C ALA A 308 -15.35 8.87 -9.83
N SER A 309 -16.32 9.25 -10.64
CA SER A 309 -17.72 9.24 -10.20
C SER A 309 -18.39 7.95 -10.66
N LYS A 310 -18.01 7.49 -11.85
CA LYS A 310 -18.56 6.27 -12.41
C LYS A 310 -17.88 5.04 -11.81
N ARG A 311 -16.83 5.27 -11.03
CA ARG A 311 -15.98 4.19 -10.56
C ARG A 311 -16.52 3.48 -9.33
N ILE A 312 -16.48 2.15 -9.37
CA ILE A 312 -16.91 1.30 -8.27
C ILE A 312 -16.25 1.74 -6.95
N SER A 313 -16.91 1.45 -5.84
CA SER A 313 -16.36 1.78 -4.52
C SER A 313 -15.80 0.55 -3.80
N VAL A 314 -15.15 0.78 -2.66
CA VAL A 314 -14.61 -0.32 -1.85
C VAL A 314 -15.70 -1.27 -1.39
N ASP A 315 -16.75 -0.73 -0.78
CA ASP A 315 -17.85 -1.58 -0.33
C ASP A 315 -18.48 -2.37 -1.48
N GLU A 316 -18.52 -1.76 -2.65
CA GLU A 316 -19.08 -2.41 -3.84
C GLU A 316 -18.20 -3.57 -4.30
N ALA A 317 -16.91 -3.31 -4.44
CA ALA A 317 -15.96 -4.35 -4.87
C ALA A 317 -16.06 -5.59 -3.99
N LEU A 318 -16.01 -5.38 -2.68
CA LEU A 318 -16.12 -6.48 -1.72
C LEU A 318 -17.34 -7.35 -2.02
N GLN A 319 -18.38 -6.74 -2.57
CA GLN A 319 -19.63 -7.44 -2.85
C GLN A 319 -19.59 -8.17 -4.19
N HIS A 320 -18.82 -7.61 -5.14
CA HIS A 320 -18.63 -8.21 -6.46
C HIS A 320 -18.34 -9.71 -6.33
N PRO A 321 -18.95 -10.53 -7.20
CA PRO A 321 -18.91 -11.99 -7.09
C PRO A 321 -17.49 -12.54 -7.10
N TYR A 322 -16.62 -11.91 -7.88
CA TYR A 322 -15.24 -12.36 -7.98
C TYR A 322 -14.56 -12.30 -6.62
N ILE A 323 -14.94 -11.33 -5.82
CA ILE A 323 -14.27 -11.05 -4.55
C ILE A 323 -14.98 -11.66 -3.35
N ASN A 324 -16.31 -11.61 -3.36
CA ASN A 324 -17.09 -11.86 -2.14
C ASN A 324 -17.08 -13.31 -1.63
N VAL A 325 -16.54 -14.22 -2.42
CA VAL A 325 -16.41 -15.61 -1.99
C VAL A 325 -15.70 -15.70 -0.64
N TRP A 326 -14.77 -14.77 -0.40
CA TRP A 326 -13.94 -14.79 0.80
C TRP A 326 -14.48 -13.93 1.94
N TYR A 327 -15.63 -13.30 1.72
CA TYR A 327 -16.18 -12.35 2.69
C TYR A 327 -16.30 -12.93 4.10
N ASP A 328 -15.86 -12.14 5.07
CA ASP A 328 -16.00 -12.46 6.48
C ASP A 328 -16.16 -11.13 7.20
N PRO A 329 -17.30 -10.94 7.87
CA PRO A 329 -17.61 -9.63 8.45
C PRO A 329 -16.60 -9.21 9.51
N SER A 330 -15.97 -10.16 10.18
CA SER A 330 -15.00 -9.83 11.22
C SER A 330 -13.76 -9.11 10.67
N GLU A 331 -13.54 -9.24 9.37
CA GLU A 331 -12.38 -8.66 8.73
C GLU A 331 -12.75 -7.59 7.69
N ALA A 332 -13.90 -7.75 7.06
CA ALA A 332 -14.37 -6.78 6.08
C ALA A 332 -15.15 -5.65 6.75
N GLU A 333 -15.71 -5.92 7.92
CA GLU A 333 -16.52 -4.92 8.63
C GLU A 333 -16.05 -4.71 10.07
N ALA A 334 -14.78 -4.39 10.22
CA ALA A 334 -14.18 -4.22 11.54
C ALA A 334 -14.37 -2.81 12.08
N PRO A 335 -14.36 -2.67 13.41
CA PRO A 335 -14.45 -1.38 14.09
C PRO A 335 -13.28 -0.49 13.66
N PRO A 336 -13.56 0.77 13.30
CA PRO A 336 -12.51 1.70 12.87
C PRO A 336 -11.50 1.93 13.98
N PRO A 337 -10.28 2.36 13.60
CA PRO A 337 -9.26 2.65 14.60
C PRO A 337 -9.63 3.91 15.36
N LYS A 338 -9.21 3.99 16.63
CA LYS A 338 -9.32 5.24 17.35
C LYS A 338 -7.98 5.97 17.24
N ILE A 339 -7.95 6.98 16.38
CA ILE A 339 -6.75 7.80 16.19
C ILE A 339 -6.80 8.97 17.17
N PRO A 340 -5.89 8.96 18.15
CA PRO A 340 -6.01 9.93 19.24
C PRO A 340 -5.22 11.22 19.02
N ASP A 341 -4.85 11.57 17.79
CA ASP A 341 -4.10 12.80 17.61
C ASP A 341 -4.76 13.93 16.83
N LYS A 342 -5.84 13.63 16.12
CA LYS A 342 -6.65 14.66 15.47
C LYS A 342 -5.85 15.63 14.60
N GLN A 343 -5.21 16.61 15.22
CA GLN A 343 -4.33 17.56 14.51
C GLN A 343 -3.34 16.83 13.62
N LEU A 344 -3.13 15.55 13.92
CA LEU A 344 -2.35 14.64 13.09
C LEU A 344 -2.44 15.03 11.62
N ASP A 345 -1.34 14.86 10.90
CA ASP A 345 -1.26 15.19 9.48
C ASP A 345 -1.98 16.50 9.08
N GLU A 346 -1.61 17.58 9.77
CA GLU A 346 -2.04 18.93 9.40
C GLU A 346 -1.47 19.92 10.40
N ARG A 347 -0.50 19.47 11.18
CA ARG A 347 0.18 20.32 12.14
C ARG A 347 1.56 20.73 11.62
N GLU A 348 2.03 21.89 12.05
CA GLU A 348 3.37 22.35 11.69
C GLU A 348 4.17 22.66 12.94
N HIS A 349 5.43 22.23 12.95
CA HIS A 349 6.31 22.51 14.08
C HIS A 349 7.69 22.84 13.56
N THR A 350 8.54 23.38 14.43
CA THR A 350 9.94 23.56 14.11
C THR A 350 10.65 22.21 14.21
N ILE A 351 11.73 22.06 13.47
CA ILE A 351 12.53 20.85 13.51
C ILE A 351 12.79 20.42 14.95
N GLU A 352 13.03 21.38 15.83
CA GLU A 352 13.32 21.07 17.23
C GLU A 352 12.09 20.49 17.94
N GLU A 353 10.91 20.97 17.56
CA GLU A 353 9.66 20.49 18.14
C GLU A 353 9.33 19.09 17.63
N TRP A 354 9.65 18.82 16.37
CA TRP A 354 9.43 17.50 15.81
C TRP A 354 10.29 16.47 16.53
N LYS A 355 11.58 16.79 16.70
CA LYS A 355 12.48 15.93 17.44
C LYS A 355 11.85 15.52 18.77
N GLU A 356 11.29 16.50 19.49
CA GLU A 356 10.63 16.23 20.76
C GLU A 356 9.41 15.33 20.60
N LEU A 357 8.52 15.70 19.67
CA LEU A 357 7.30 14.93 19.41
C LEU A 357 7.63 13.48 19.13
N ILE A 358 8.57 13.27 18.20
CA ILE A 358 8.94 11.94 17.75
C ILE A 358 9.57 11.13 18.88
N TYR A 359 10.52 11.74 19.57
CA TYR A 359 11.18 11.11 20.71
C TYR A 359 10.15 10.70 21.76
N LYS A 360 9.31 11.66 22.14
CA LYS A 360 8.24 11.42 23.09
C LYS A 360 7.43 10.20 22.67
N GLU A 361 7.05 10.18 21.40
CA GLU A 361 6.23 9.12 20.83
C GLU A 361 6.96 7.78 20.81
N VAL A 362 8.28 7.82 20.66
CA VAL A 362 9.04 6.59 20.68
C VAL A 362 9.14 6.05 22.09
N MET A 363 9.39 6.95 23.05
CA MET A 363 9.50 6.55 24.45
C MET A 363 8.18 5.99 24.97
N ASP A 364 7.08 6.66 24.66
CA ASP A 364 5.77 6.26 25.16
C ASP A 364 5.29 4.93 24.57
N LEU A 365 5.75 4.61 23.37
CA LEU A 365 5.23 3.45 22.63
C LEU A 365 6.03 2.17 22.85
N GLU A 366 7.21 2.29 23.46
CA GLU A 366 8.07 1.12 23.67
C GLU A 366 7.59 0.26 24.85
N GLU A 367 7.62 -1.06 24.67
CA GLU A 367 7.10 -1.98 25.66
C GLU A 367 8.11 -2.27 26.77
N ARG B 3 -18.25 -21.22 3.88
CA ARG B 3 -17.15 -20.39 3.39
C ARG B 3 -15.94 -21.23 2.97
N PRO B 4 -15.42 -20.98 1.75
CA PRO B 4 -14.32 -21.79 1.20
C PRO B 4 -13.08 -21.72 2.08
N SER B 5 -12.30 -22.80 2.10
CA SER B 5 -11.14 -22.88 2.98
C SER B 5 -9.92 -22.16 2.40
N ARG B 6 -9.19 -21.47 3.26
CA ARG B 6 -8.05 -20.67 2.89
C ARG B 6 -6.74 -21.35 3.32
N ASP B 7 -6.86 -22.56 3.85
CA ASP B 7 -5.74 -23.32 4.42
C ASP B 7 -4.67 -23.76 3.42
N HIS B 8 -5.10 -24.14 2.23
CA HIS B 8 -4.18 -24.68 1.23
C HIS B 8 -3.55 -23.60 0.35
N LEU B 9 -4.06 -22.37 0.41
CA LEU B 9 -3.53 -21.27 -0.39
C LEU B 9 -2.04 -21.06 -0.11
N TYR B 10 -1.24 -21.16 -1.16
CA TYR B 10 0.22 -21.09 -1.03
C TYR B 10 0.90 -20.27 -2.14
N LEU B 11 1.79 -19.38 -1.72
CA LEU B 11 2.66 -18.67 -2.65
C LEU B 11 4.10 -19.14 -2.42
N PRO B 12 4.76 -19.64 -3.48
CA PRO B 12 6.11 -20.21 -3.38
C PRO B 12 7.16 -19.13 -3.15
N LEU B 13 7.19 -18.59 -1.94
CA LEU B 13 8.05 -17.46 -1.61
C LEU B 13 9.16 -17.85 -0.64
N GLU B 14 8.89 -18.87 0.17
CA GLU B 14 9.80 -19.32 1.22
C GLU B 14 11.24 -19.51 0.74
PG ANP C . 8.99 4.03 1.67
O1G ANP C . 10.17 4.00 2.64
O2G ANP C . 8.81 5.49 1.22
O3G ANP C . 7.72 3.49 2.33
PB ANP C . 9.19 1.52 0.56
O1B ANP C . 10.61 1.17 -0.04
O2B ANP C . 7.88 0.78 0.00
N3B ANP C . 9.38 3.18 0.34
PA ANP C . 9.56 0.00 2.84
O1A ANP C . 10.75 -0.06 3.82
O2A ANP C . 8.25 -0.18 3.54
O3A ANP C . 9.61 1.37 2.11
O5' ANP C . 9.77 -1.13 1.78
C5' ANP C . 11.00 -1.74 1.62
C4' ANP C . 10.98 -3.15 1.24
O4' ANP C . 11.36 -3.89 2.34
C3' ANP C . 9.60 -3.59 0.91
O3' ANP C . 9.34 -3.51 -0.45
C2' ANP C . 9.58 -4.97 1.31
O2' ANP C . 10.11 -5.78 0.30
C1' ANP C . 10.47 -5.01 2.46
N9 ANP C . 9.76 -4.95 3.74
C8 ANP C . 9.57 -3.84 4.47
N7 ANP C . 8.89 -4.17 5.57
C5 ANP C . 8.65 -5.49 5.55
C6 ANP C . 8.00 -6.39 6.39
N6 ANP C . 7.40 -5.91 7.63
N1 ANP C . 7.93 -7.71 6.06
C2 ANP C . 8.48 -8.15 4.92
N3 ANP C . 9.12 -7.33 4.09
C4 ANP C . 9.21 -5.99 4.37
#